data_7QRH
#
_entry.id   7QRH
#
_cell.length_a   86.147
_cell.length_b   86.147
_cell.length_c   234.105
_cell.angle_alpha   90.000
_cell.angle_beta   90.000
_cell.angle_gamma   120.000
#
_symmetry.space_group_name_H-M   'P 65 2 2'
#
loop_
_entity.id
_entity.type
_entity.pdbx_description
1 polymer 'Aspartate/glutamate/uridylate kinase'
2 non-polymer 'SULFATE ION'
3 water water
#
_entity_poly.entity_id   1
_entity_poly.type   'polypeptide(L)'
_entity_poly.pdbx_seq_one_letter_code
;MAHHHHHHSSGLEVLFQGPMHVIKIGGSLTFNSKNLLSKLIELNKKIVLVPGGGNFADSVRELYDRTDLGELGAHKIATI
CTDITGIYFSEISGIKTANNLFDAKKILENENIVIILPSKIILSTDELPCSWSVTSDSFAAYIAKLLKSKVLIIATDVDG
IYDKYPEGKLLNTINTKTIKGFTSVDKHLPKLISEYGIECFVVNGNHPERIKNILNDVSDTYTKITLE
;
_entity_poly.pdbx_strand_id   AAA,BBB
#
loop_
_chem_comp.id
_chem_comp.type
_chem_comp.name
_chem_comp.formula
SO4 non-polymer 'SULFATE ION' 'O4 S -2'
#
# COMPACT_ATOMS: atom_id res chain seq x y z
N PRO A 19 16.37 11.44 -8.50
CA PRO A 19 16.12 10.14 -7.81
C PRO A 19 15.86 10.33 -6.31
N MET A 20 15.05 9.45 -5.72
CA MET A 20 14.65 9.56 -4.30
C MET A 20 15.50 8.63 -3.43
N HIS A 21 15.86 9.13 -2.24
CA HIS A 21 16.61 8.41 -1.19
C HIS A 21 15.75 8.32 0.05
N VAL A 22 15.57 7.12 0.59
CA VAL A 22 14.85 6.90 1.87
C VAL A 22 15.87 6.87 3.00
N ILE A 23 15.77 7.79 3.97
CA ILE A 23 16.61 7.78 5.21
C ILE A 23 15.70 7.55 6.44
N LYS A 24 16.00 6.51 7.21
CA LYS A 24 15.30 6.17 8.47
C LYS A 24 16.14 6.66 9.65
N ILE A 25 15.53 7.36 10.59
CA ILE A 25 16.22 7.85 11.82
C ILE A 25 15.79 6.99 13.02
N GLY A 26 16.74 6.26 13.60
CA GLY A 26 16.56 5.42 14.80
C GLY A 26 16.21 6.24 16.04
N GLY A 27 15.55 5.57 16.99
CA GLY A 27 15.14 6.14 18.30
C GLY A 27 16.36 6.53 19.11
N SER A 28 17.46 5.80 18.94
CA SER A 28 18.78 6.06 19.56
C SER A 28 19.27 7.48 19.26
N LEU A 29 18.78 8.13 18.19
CA LEU A 29 19.28 9.44 17.70
C LEU A 29 18.27 10.55 18.04
N THR A 30 17.21 10.21 18.76
CA THR A 30 16.08 11.15 19.04
C THR A 30 16.64 12.50 19.50
N PHE A 31 17.55 12.49 20.47
CA PHE A 31 18.05 13.69 21.19
C PHE A 31 19.27 14.30 20.49
N ASN A 32 19.68 13.72 19.36
CA ASN A 32 20.72 14.31 18.49
C ASN A 32 20.19 14.39 17.06
N SER A 33 18.92 14.79 16.92
CA SER A 33 18.14 14.75 15.67
C SER A 33 18.18 16.12 14.98
N LYS A 34 18.18 17.20 15.76
CA LYS A 34 18.15 18.58 15.20
C LYS A 34 19.35 18.76 14.27
N ASN A 35 20.57 18.40 14.71
CA ASN A 35 21.79 18.53 13.87
C ASN A 35 21.62 17.71 12.61
N LEU A 36 21.26 16.42 12.69
CA LEU A 36 21.15 15.55 11.50
C LEU A 36 20.14 16.16 10.50
N LEU A 37 19.02 16.67 11.00
CA LEU A 37 17.94 17.24 10.15
C LEU A 37 18.42 18.53 9.48
N SER A 38 19.09 19.40 10.25
CA SER A 38 19.77 20.65 9.78
C SER A 38 20.62 20.31 8.55
N LYS A 39 21.49 19.30 8.66
CA LYS A 39 22.47 18.98 7.59
C LYS A 39 21.74 18.40 6.37
N LEU A 40 20.65 17.66 6.54
CA LEU A 40 19.95 17.02 5.40
C LEU A 40 19.22 18.08 4.56
N ILE A 41 18.71 19.12 5.21
CA ILE A 41 18.03 20.29 4.55
C ILE A 41 19.02 20.94 3.56
N GLU A 42 20.29 21.07 3.95
CA GLU A 42 21.38 21.71 3.16
C GLU A 42 21.62 20.97 1.83
N LEU A 43 21.37 19.66 1.76
CA LEU A 43 21.74 18.84 0.58
C LEU A 43 20.74 19.10 -0.54
N ASN A 44 21.19 19.07 -1.78
CA ASN A 44 20.31 19.21 -2.98
C ASN A 44 20.01 17.80 -3.45
N LYS A 45 19.29 17.05 -2.61
CA LYS A 45 18.90 15.65 -2.90
C LYS A 45 17.43 15.45 -2.50
N LYS A 46 16.69 14.66 -3.27
CA LYS A 46 15.33 14.22 -2.91
C LYS A 46 15.46 13.24 -1.73
N ILE A 47 15.02 13.62 -0.53
CA ILE A 47 15.11 12.79 0.71
C ILE A 47 13.73 12.52 1.30
N VAL A 48 13.46 11.26 1.58
CA VAL A 48 12.22 10.81 2.28
C VAL A 48 12.61 10.34 3.68
N LEU A 49 12.27 11.12 4.70
CA LEU A 49 12.63 10.76 6.10
C LEU A 49 11.55 9.83 6.66
N VAL A 50 11.97 8.69 7.17
CA VAL A 50 11.12 7.69 7.89
C VAL A 50 11.53 7.66 9.35
N PRO A 51 10.62 8.00 10.27
CA PRO A 51 10.91 7.92 11.70
C PRO A 51 10.80 6.51 12.28
N GLY A 52 11.54 6.27 13.36
CA GLY A 52 11.38 5.10 14.24
C GLY A 52 10.53 5.41 15.46
N GLY A 53 10.67 4.62 16.52
CA GLY A 53 9.85 4.72 17.74
C GLY A 53 10.34 5.79 18.70
N GLY A 54 11.25 6.65 18.24
CA GLY A 54 11.85 7.72 19.08
C GLY A 54 12.05 7.27 20.52
N ASN A 55 11.52 8.03 21.48
CA ASN A 55 11.65 7.73 22.92
C ASN A 55 10.35 7.10 23.44
N PHE A 56 9.57 6.45 22.57
CA PHE A 56 8.24 5.85 22.89
C PHE A 56 8.29 4.33 22.95
N ALA A 57 9.34 3.73 22.41
CA ALA A 57 9.49 2.27 22.27
C ALA A 57 9.37 1.61 23.66
N ASP A 58 10.10 2.09 24.65
CA ASP A 58 10.04 1.51 26.02
C ASP A 58 8.58 1.35 26.47
N SER A 59 7.76 2.35 26.17
CA SER A 59 6.37 2.46 26.66
C SER A 59 5.50 1.40 26.01
N VAL A 60 5.70 1.20 24.71
CA VAL A 60 4.94 0.16 23.96
C VAL A 60 5.33 -1.21 24.52
N ARG A 61 6.62 -1.41 24.76
CA ARG A 61 7.19 -2.68 25.26
C ARG A 61 6.62 -2.90 26.66
N GLU A 62 6.48 -1.82 27.43
CA GLU A 62 5.97 -1.90 28.81
C GLU A 62 4.51 -2.37 28.80
N LEU A 63 3.71 -1.91 27.83
CA LEU A 63 2.30 -2.35 27.68
C LEU A 63 2.28 -3.84 27.29
N TYR A 64 3.08 -4.27 26.32
CA TYR A 64 3.09 -5.67 25.81
C TYR A 64 3.45 -6.64 26.93
N ASP A 65 4.46 -6.29 27.71
CA ASP A 65 5.14 -7.12 28.75
C ASP A 65 4.23 -7.27 29.96
N ARG A 66 3.55 -6.20 30.35
CA ARG A 66 2.92 -6.06 31.69
C ARG A 66 1.40 -6.20 31.60
N THR A 67 0.84 -6.31 30.38
CA THR A 67 -0.62 -6.44 30.17
C THR A 67 -0.97 -7.38 28.99
N ASP A 68 -2.27 -7.56 28.81
CA ASP A 68 -2.83 -8.55 27.86
C ASP A 68 -2.86 -7.97 26.46
N LEU A 69 -2.36 -6.75 26.26
CA LEU A 69 -2.10 -6.25 24.89
C LEU A 69 -1.21 -7.31 24.25
N GLY A 70 -1.64 -7.78 23.08
CA GLY A 70 -0.91 -8.80 22.30
C GLY A 70 -0.25 -8.20 21.07
N GLU A 71 0.33 -9.06 20.24
CA GLU A 71 1.36 -8.70 19.24
C GLU A 71 0.75 -7.74 18.23
N LEU A 72 -0.48 -8.00 17.79
CA LEU A 72 -1.13 -7.15 16.76
C LEU A 72 -1.42 -5.76 17.34
N GLY A 73 -1.85 -5.69 18.60
CA GLY A 73 -2.14 -4.41 19.26
C GLY A 73 -0.88 -3.57 19.42
N ALA A 74 0.15 -4.18 19.98
CA ALA A 74 1.48 -3.59 20.19
C ALA A 74 2.06 -3.10 18.85
N HIS A 75 1.78 -3.80 17.76
CA HIS A 75 2.27 -3.41 16.42
C HIS A 75 1.49 -2.18 15.94
N LYS A 76 0.15 -2.17 16.07
CA LYS A 76 -0.68 -1.01 15.67
C LYS A 76 -0.13 0.21 16.41
N ILE A 77 0.09 0.06 17.72
CA ILE A 77 0.47 1.16 18.63
C ILE A 77 1.91 1.62 18.31
N ALA A 78 2.83 0.69 18.12
CA ALA A 78 4.25 1.00 17.81
C ALA A 78 4.27 1.79 16.50
N THR A 79 3.43 1.38 15.57
CA THR A 79 3.33 1.97 14.22
C THR A 79 2.97 3.44 14.36
N ILE A 80 1.97 3.73 15.17
CA ILE A 80 1.45 5.11 15.36
C ILE A 80 2.51 5.92 16.12
N CYS A 81 3.32 5.28 16.96
CA CYS A 81 4.47 5.94 17.63
C CYS A 81 5.47 6.47 16.59
N THR A 82 5.61 5.84 15.42
CA THR A 82 6.52 6.39 14.39
C THR A 82 5.97 7.74 13.91
N ASP A 83 4.64 7.87 13.78
CA ASP A 83 4.02 9.13 13.29
C ASP A 83 4.40 10.25 14.26
N ILE A 84 4.32 9.95 15.55
CA ILE A 84 4.57 10.94 16.61
C ILE A 84 6.01 11.43 16.47
N THR A 85 6.97 10.50 16.36
CA THR A 85 8.40 10.82 16.18
C THR A 85 8.53 11.71 14.94
N GLY A 86 7.85 11.34 13.85
CA GLY A 86 7.78 12.15 12.62
C GLY A 86 7.36 13.59 12.93
N ILE A 87 6.33 13.76 13.75
CA ILE A 87 5.76 15.10 14.06
C ILE A 87 6.83 15.87 14.85
N TYR A 88 7.47 15.22 15.81
CA TYR A 88 8.65 15.77 16.53
C TYR A 88 9.70 16.26 15.52
N PHE A 89 10.12 15.42 14.56
CA PHE A 89 11.17 15.80 13.58
C PHE A 89 10.73 17.09 12.87
N SER A 90 9.50 17.10 12.37
CA SER A 90 8.85 18.24 11.68
C SER A 90 8.93 19.51 12.54
N GLU A 91 8.61 19.40 13.82
CA GLU A 91 8.47 20.57 14.73
C GLU A 91 9.85 21.20 14.95
N ILE A 92 10.90 20.42 15.08
CA ILE A 92 12.25 20.98 15.42
C ILE A 92 12.98 21.41 14.14
N SER A 93 12.49 21.05 12.94
CA SER A 93 13.23 21.14 11.66
C SER A 93 12.52 22.07 10.67
N GLY A 94 11.19 22.12 10.71
CA GLY A 94 10.36 22.86 9.73
C GLY A 94 10.11 22.06 8.46
N ILE A 95 10.64 20.84 8.34
CA ILE A 95 10.34 19.91 7.21
C ILE A 95 8.85 19.53 7.30
N LYS A 96 8.16 19.54 6.17
CA LYS A 96 6.74 19.17 6.04
C LYS A 96 6.59 17.64 6.19
N THR A 97 5.43 17.21 6.71
CA THR A 97 5.00 15.80 6.84
C THR A 97 3.99 15.48 5.73
N ALA A 98 3.82 14.20 5.48
CA ALA A 98 2.82 13.59 4.60
C ALA A 98 2.54 12.20 5.14
N ASN A 99 1.28 11.79 5.16
CA ASN A 99 0.88 10.44 5.67
C ASN A 99 0.54 9.53 4.49
N ASN A 100 0.78 10.00 3.27
CA ASN A 100 0.45 9.29 2.01
C ASN A 100 1.54 9.65 1.00
N LEU A 101 1.97 8.71 0.16
CA LEU A 101 3.11 8.95 -0.76
C LEU A 101 2.70 9.92 -1.88
N PHE A 102 1.44 9.89 -2.31
CA PHE A 102 0.86 10.83 -3.31
C PHE A 102 1.20 12.26 -2.87
N ASP A 103 0.90 12.65 -1.62
CA ASP A 103 1.15 14.04 -1.16
C ASP A 103 2.64 14.24 -0.95
N ALA A 104 3.37 13.19 -0.56
CA ALA A 104 4.83 13.21 -0.34
C ALA A 104 5.52 13.59 -1.66
N LYS A 105 5.10 12.98 -2.75
CA LYS A 105 5.67 13.28 -4.10
C LYS A 105 5.38 14.75 -4.47
N LYS A 106 4.17 15.24 -4.23
CA LYS A 106 3.79 16.65 -4.52
C LYS A 106 4.73 17.58 -3.75
N ILE A 107 4.97 17.33 -2.46
CA ILE A 107 5.90 18.14 -1.62
C ILE A 107 7.30 18.09 -2.24
N LEU A 108 7.74 16.94 -2.75
CA LEU A 108 9.12 16.76 -3.29
C LEU A 108 9.28 17.40 -4.67
N GLU A 109 8.20 17.76 -5.36
CA GLU A 109 8.31 18.39 -6.69
C GLU A 109 8.53 19.90 -6.46
N ASN A 110 8.63 20.34 -5.20
CA ASN A 110 8.76 21.79 -4.84
C ASN A 110 9.80 22.01 -3.76
N GLU A 111 9.91 21.12 -2.76
CA GLU A 111 11.01 21.12 -1.76
C GLU A 111 11.82 19.85 -1.98
N ASN A 112 12.91 19.66 -1.24
CA ASN A 112 13.85 18.52 -1.46
C ASN A 112 13.59 17.38 -0.47
N ILE A 113 12.78 17.61 0.56
CA ILE A 113 12.76 16.72 1.73
C ILE A 113 11.37 16.71 2.38
N VAL A 114 10.93 15.53 2.78
CA VAL A 114 9.60 15.32 3.44
C VAL A 114 9.77 14.23 4.50
N ILE A 115 9.03 14.37 5.59
CA ILE A 115 8.90 13.33 6.65
C ILE A 115 7.63 12.54 6.35
N ILE A 116 7.74 11.21 6.21
CA ILE A 116 6.58 10.28 6.14
C ILE A 116 6.12 9.98 7.56
N LEU A 117 4.83 10.13 7.79
CA LEU A 117 4.12 9.57 8.96
C LEU A 117 3.63 8.21 8.48
N PRO A 118 4.37 7.12 8.80
CA PRO A 118 4.21 5.82 8.13
C PRO A 118 2.94 5.01 8.42
N SER A 119 2.26 5.30 9.53
CA SER A 119 1.21 4.38 10.07
C SER A 119 0.11 4.16 9.02
N LYS A 120 -0.40 5.23 8.43
CA LYS A 120 -1.49 5.22 7.42
C LYS A 120 -1.10 4.21 6.33
N ILE A 121 0.13 4.28 5.82
CA ILE A 121 0.62 3.40 4.73
C ILE A 121 0.67 1.96 5.25
N ILE A 122 1.30 1.75 6.42
CA ILE A 122 1.58 0.38 6.94
C ILE A 122 0.27 -0.36 7.23
N LEU A 123 -0.71 0.31 7.85
CA LEU A 123 -2.00 -0.29 8.23
C LEU A 123 -2.93 -0.38 7.02
N SER A 124 -2.87 0.59 6.11
CA SER A 124 -3.56 0.55 4.79
C SER A 124 -3.30 -0.80 4.09
N THR A 125 -2.03 -1.16 3.90
CA THR A 125 -1.58 -2.31 3.08
C THR A 125 -1.62 -3.60 3.90
N ASP A 126 -0.88 -3.62 5.02
CA ASP A 126 -0.83 -4.74 5.99
C ASP A 126 -0.19 -5.98 5.35
N GLU A 127 0.79 -5.77 4.47
CA GLU A 127 1.30 -6.81 3.54
C GLU A 127 2.40 -7.65 4.20
N LEU A 128 3.15 -7.05 5.10
CA LEU A 128 4.22 -7.72 5.89
C LEU A 128 3.60 -8.32 7.16
N PRO A 129 4.06 -9.52 7.61
CA PRO A 129 3.58 -10.10 8.87
C PRO A 129 3.66 -9.13 10.07
N CYS A 130 2.50 -8.79 10.63
CA CYS A 130 2.30 -7.74 11.68
C CYS A 130 2.64 -8.33 13.06
N SER A 131 3.92 -8.33 13.41
CA SER A 131 4.48 -8.99 14.62
C SER A 131 5.78 -8.27 15.01
N TRP A 132 6.09 -8.18 16.31
CA TRP A 132 7.42 -7.78 16.84
C TRP A 132 8.51 -8.46 16.00
N SER A 133 9.59 -7.74 15.67
CA SER A 133 10.65 -8.13 14.69
C SER A 133 10.21 -7.77 13.26
N VAL A 134 9.14 -6.98 13.12
CA VAL A 134 8.91 -6.05 11.97
C VAL A 134 8.95 -4.61 12.51
N THR A 135 10.08 -3.91 12.35
CA THR A 135 10.29 -2.55 12.91
C THR A 135 10.35 -1.53 11.78
N SER A 136 10.59 -0.27 12.16
CA SER A 136 10.63 0.91 11.26
C SER A 136 11.69 0.74 10.17
N ASP A 137 12.73 -0.08 10.43
CA ASP A 137 13.73 -0.45 9.40
C ASP A 137 12.99 -1.10 8.22
N SER A 138 12.16 -2.12 8.47
CA SER A 138 11.30 -2.76 7.44
C SER A 138 10.29 -1.75 6.87
N PHE A 139 9.71 -0.88 7.69
CA PHE A 139 8.77 0.16 7.22
C PHE A 139 9.50 1.04 6.20
N ALA A 140 10.73 1.43 6.51
CA ALA A 140 11.52 2.31 5.61
C ALA A 140 11.79 1.58 4.27
N ALA A 141 12.09 0.28 4.33
CA ALA A 141 12.42 -0.54 3.15
C ALA A 141 11.17 -0.67 2.30
N TYR A 142 10.06 -1.08 2.94
CA TYR A 142 8.71 -1.15 2.32
C TYR A 142 8.42 0.16 1.57
N ILE A 143 8.62 1.30 2.23
CA ILE A 143 8.32 2.65 1.66
C ILE A 143 9.26 2.88 0.47
N ALA A 144 10.50 2.40 0.56
CA ALA A 144 11.47 2.54 -0.55
C ALA A 144 10.92 1.74 -1.74
N LYS A 145 10.42 0.53 -1.51
CA LYS A 145 9.85 -0.32 -2.58
C LYS A 145 8.64 0.41 -3.22
N LEU A 146 7.78 1.05 -2.42
CA LEU A 146 6.55 1.74 -2.91
C LEU A 146 6.97 2.88 -3.83
N LEU A 147 8.02 3.58 -3.46
CA LEU A 147 8.55 4.75 -4.20
C LEU A 147 9.44 4.31 -5.37
N LYS A 148 9.79 3.02 -5.48
CA LYS A 148 10.81 2.52 -6.43
C LYS A 148 12.15 3.23 -6.16
N SER A 149 12.43 3.60 -4.91
CA SER A 149 13.77 4.08 -4.44
C SER A 149 14.74 2.89 -4.44
N LYS A 150 16.00 3.17 -4.80
CA LYS A 150 17.08 2.16 -4.89
C LYS A 150 18.08 2.38 -3.76
N VAL A 151 17.98 3.51 -3.03
CA VAL A 151 18.84 3.82 -1.86
C VAL A 151 18.03 3.91 -0.57
N LEU A 152 18.32 3.02 0.38
CA LEU A 152 17.82 3.09 1.78
C LEU A 152 18.99 3.37 2.73
N ILE A 153 18.97 4.47 3.48
CA ILE A 153 19.95 4.74 4.57
C ILE A 153 19.28 4.56 5.94
N ILE A 154 19.87 3.74 6.80
CA ILE A 154 19.43 3.51 8.20
C ILE A 154 20.43 4.20 9.14
N ALA A 155 19.97 5.30 9.74
CA ALA A 155 20.81 6.14 10.62
C ALA A 155 20.61 5.61 12.04
N THR A 156 21.69 5.12 12.65
CA THR A 156 21.71 4.53 14.01
C THR A 156 22.77 5.29 14.84
N ASP A 157 23.06 4.83 16.06
CA ASP A 157 23.92 5.56 17.04
C ASP A 157 25.31 4.95 17.05
N VAL A 158 25.59 4.00 16.15
CA VAL A 158 26.92 3.34 15.97
C VAL A 158 27.33 3.40 14.50
N ASP A 159 28.54 2.92 14.17
CA ASP A 159 29.20 3.13 12.86
C ASP A 159 28.62 2.20 11.79
N GLY A 160 27.90 1.16 12.22
CA GLY A 160 27.24 0.17 11.36
C GLY A 160 26.90 -1.10 12.12
N ILE A 161 26.97 -2.25 11.42
CA ILE A 161 26.75 -3.61 12.00
C ILE A 161 28.12 -4.23 12.36
N TYR A 162 28.25 -4.72 13.60
CA TYR A 162 29.46 -5.37 14.15
C TYR A 162 29.32 -6.90 14.04
N ASP A 163 30.47 -7.57 13.94
CA ASP A 163 30.57 -9.00 13.54
C ASP A 163 29.92 -9.88 14.60
N LYS A 164 29.36 -11.01 14.15
CA LYS A 164 28.45 -11.91 14.91
C LYS A 164 29.13 -12.41 16.19
N TYR A 165 30.42 -12.80 16.16
CA TYR A 165 31.14 -13.34 17.33
C TYR A 165 31.35 -12.21 18.35
N PRO A 166 31.60 -12.54 19.64
CA PRO A 166 31.73 -11.52 20.69
C PRO A 166 33.01 -10.69 20.44
N GLU A 167 33.00 -9.42 20.85
CA GLU A 167 34.02 -8.39 20.46
C GLU A 167 34.25 -8.40 18.94
N GLY A 168 33.20 -8.63 18.14
CA GLY A 168 33.27 -8.57 16.66
C GLY A 168 33.62 -7.18 16.19
N LYS A 169 34.27 -7.08 15.03
CA LYS A 169 34.68 -5.80 14.37
C LYS A 169 33.52 -5.26 13.51
N LEU A 170 33.61 -4.00 13.08
CA LEU A 170 32.67 -3.36 12.13
C LEU A 170 32.69 -4.12 10.81
N LEU A 171 31.53 -4.57 10.32
CA LEU A 171 31.44 -5.13 8.95
C LEU A 171 31.16 -3.99 7.98
N ASN A 172 32.03 -3.71 7.01
CA ASN A 172 31.80 -2.64 6.01
C ASN A 172 30.80 -3.13 4.96
N THR A 173 30.70 -4.45 4.82
CA THR A 173 29.84 -5.17 3.86
C THR A 173 29.30 -6.40 4.57
N ILE A 174 28.04 -6.72 4.30
CA ILE A 174 27.38 -7.98 4.70
C ILE A 174 26.37 -8.24 3.59
N ASN A 175 26.28 -9.47 3.08
CA ASN A 175 25.35 -9.80 1.98
C ASN A 175 24.13 -10.51 2.59
N THR A 176 23.00 -10.45 1.89
CA THR A 176 21.66 -10.92 2.33
C THR A 176 21.73 -12.27 3.05
N LYS A 177 22.43 -13.26 2.49
CA LYS A 177 22.53 -14.65 3.02
C LYS A 177 23.28 -14.67 4.38
N THR A 178 24.31 -13.83 4.54
CA THR A 178 25.21 -13.83 5.73
C THR A 178 24.40 -13.36 6.94
N ILE A 179 23.58 -12.32 6.77
CA ILE A 179 22.86 -11.58 7.84
C ILE A 179 21.72 -12.44 8.44
N LYS A 180 21.50 -13.65 7.92
CA LYS A 180 20.71 -14.72 8.58
C LYS A 180 21.43 -15.15 9.87
N GLY A 181 20.68 -15.43 10.94
CA GLY A 181 21.16 -15.84 12.27
C GLY A 181 21.89 -14.73 13.03
N PHE A 182 21.49 -13.46 12.81
CA PHE A 182 22.02 -12.25 13.50
C PHE A 182 20.99 -11.74 14.54
N THR A 183 21.35 -11.80 15.84
CA THR A 183 20.53 -11.32 16.97
C THR A 183 19.99 -9.92 16.65
N SER A 184 20.87 -9.01 16.22
CA SER A 184 20.61 -7.55 16.09
C SER A 184 20.16 -7.17 14.68
N VAL A 185 19.17 -7.88 14.09
CA VAL A 185 18.73 -7.62 12.68
C VAL A 185 17.23 -7.90 12.50
N ASP A 186 16.55 -7.09 11.68
CA ASP A 186 15.06 -7.04 11.53
C ASP A 186 14.53 -8.33 10.89
N LYS A 187 15.35 -9.08 10.15
CA LYS A 187 15.03 -10.47 9.71
C LYS A 187 13.96 -10.45 8.61
N HIS A 188 13.09 -9.44 8.56
CA HIS A 188 12.19 -9.14 7.40
C HIS A 188 12.93 -8.27 6.36
N LEU A 189 13.90 -7.51 6.86
CA LEU A 189 14.58 -6.43 6.10
C LEU A 189 15.35 -7.01 4.90
N PRO A 190 16.19 -8.07 5.08
CA PRO A 190 17.00 -8.60 3.96
C PRO A 190 16.15 -9.10 2.76
N LYS A 191 14.98 -9.68 3.04
CA LYS A 191 14.05 -10.15 1.99
C LYS A 191 13.69 -8.95 1.10
N LEU A 192 13.34 -7.81 1.70
CA LEU A 192 12.91 -6.60 0.95
C LEU A 192 14.09 -6.03 0.16
N ILE A 193 15.28 -5.94 0.79
CA ILE A 193 16.49 -5.31 0.19
C ILE A 193 16.80 -6.06 -1.09
N SER A 194 16.87 -7.40 -1.00
CA SER A 194 17.22 -8.32 -2.12
C SER A 194 16.12 -8.26 -3.18
N GLU A 195 14.89 -8.60 -2.77
CA GLU A 195 13.68 -8.67 -3.63
C GLU A 195 13.60 -7.41 -4.49
N TYR A 196 13.83 -6.22 -3.93
CA TYR A 196 13.49 -4.95 -4.64
C TYR A 196 14.75 -4.19 -5.03
N GLY A 197 15.92 -4.84 -4.97
CA GLY A 197 17.16 -4.28 -5.56
C GLY A 197 17.53 -2.94 -4.94
N ILE A 198 17.50 -2.87 -3.61
CA ILE A 198 17.77 -1.63 -2.83
C ILE A 198 19.19 -1.70 -2.27
N GLU A 199 19.97 -0.66 -2.52
CA GLU A 199 21.27 -0.40 -1.84
C GLU A 199 20.95 0.09 -0.43
N CYS A 200 21.38 -0.65 0.59
CA CYS A 200 21.12 -0.31 2.01
C CYS A 200 22.42 0.00 2.77
N PHE A 201 22.42 1.09 3.52
CA PHE A 201 23.57 1.65 4.27
C PHE A 201 23.17 1.80 5.73
N VAL A 202 23.98 1.27 6.65
CA VAL A 202 23.83 1.50 8.11
C VAL A 202 24.99 2.37 8.55
N VAL A 203 24.68 3.57 9.04
CA VAL A 203 25.65 4.67 9.23
C VAL A 203 25.32 5.32 10.56
N ASN A 204 26.30 6.00 11.13
CA ASN A 204 26.20 6.71 12.42
C ASN A 204 25.59 8.09 12.15
N GLY A 205 24.33 8.27 12.58
CA GLY A 205 23.57 9.53 12.44
C GLY A 205 24.10 10.64 13.32
N ASN A 206 24.94 10.31 14.30
CA ASN A 206 25.67 11.31 15.11
C ASN A 206 26.73 11.98 14.25
N HIS A 207 27.01 11.48 13.03
CA HIS A 207 28.02 12.02 12.09
C HIS A 207 27.32 12.30 10.76
N PRO A 208 26.51 13.38 10.72
CA PRO A 208 25.75 13.77 9.54
C PRO A 208 26.54 13.84 8.23
N GLU A 209 27.82 14.16 8.31
CA GLU A 209 28.71 14.30 7.12
C GLU A 209 28.71 12.95 6.37
N ARG A 210 28.65 11.84 7.11
CA ARG A 210 28.74 10.50 6.50
C ARG A 210 27.53 10.33 5.56
N ILE A 211 26.37 10.84 5.96
CA ILE A 211 25.10 10.69 5.18
C ILE A 211 25.16 11.63 3.96
N LYS A 212 25.59 12.88 4.14
CA LYS A 212 25.99 13.76 3.00
C LYS A 212 26.85 12.97 1.99
N ASN A 213 27.86 12.24 2.47
CA ASN A 213 28.84 11.50 1.61
C ASN A 213 28.13 10.34 0.91
N ILE A 214 27.35 9.55 1.62
CA ILE A 214 26.59 8.45 0.94
C ILE A 214 25.79 9.03 -0.24
N LEU A 215 25.09 10.15 -0.02
CA LEU A 215 24.17 10.77 -1.01
C LEU A 215 24.95 11.40 -2.16
N ASN A 216 26.18 11.88 -1.92
CA ASN A 216 27.06 12.48 -2.95
C ASN A 216 27.99 11.43 -3.55
N ASP A 217 27.73 10.13 -3.29
CA ASP A 217 28.51 8.96 -3.75
C ASP A 217 30.01 9.14 -3.42
N VAL A 218 30.30 9.52 -2.18
CA VAL A 218 31.65 9.70 -1.61
C VAL A 218 31.82 8.61 -0.54
N SER A 219 32.96 7.93 -0.51
CA SER A 219 33.18 6.81 0.45
C SER A 219 33.15 7.37 1.87
N ASP A 220 32.68 6.58 2.82
CA ASP A 220 32.82 6.93 4.25
C ASP A 220 32.66 5.64 5.08
N THR A 221 32.55 5.77 6.40
CA THR A 221 32.41 4.60 7.31
C THR A 221 30.94 4.26 7.44
N TYR A 222 30.63 3.00 7.21
CA TYR A 222 29.27 2.42 7.30
C TYR A 222 29.34 0.95 6.91
N THR A 223 28.23 0.27 7.04
CA THR A 223 27.95 -1.09 6.55
C THR A 223 27.02 -0.98 5.34
N LYS A 224 27.41 -1.59 4.22
CA LYS A 224 26.55 -1.71 3.02
C LYS A 224 25.98 -3.14 3.07
N ILE A 225 24.67 -3.27 2.97
CA ILE A 225 23.95 -4.56 2.88
C ILE A 225 23.53 -4.76 1.43
N THR A 226 24.12 -5.75 0.76
CA THR A 226 24.02 -5.98 -0.70
C THR A 226 23.45 -7.38 -0.98
N LEU A 227 23.07 -7.69 -2.22
CA LEU A 227 22.63 -9.06 -2.63
C LEU A 227 23.86 -9.99 -2.64
N GLY B 18 -10.61 -18.93 6.37
CA GLY B 18 -11.16 -18.99 4.98
C GLY B 18 -10.17 -18.40 3.97
N PRO B 19 -10.49 -18.45 2.65
CA PRO B 19 -9.83 -17.60 1.64
C PRO B 19 -10.71 -16.39 1.28
N MET B 20 -10.08 -15.29 0.86
CA MET B 20 -10.79 -14.02 0.59
C MET B 20 -11.04 -13.83 -0.92
N HIS B 21 -12.21 -13.33 -1.26
CA HIS B 21 -12.66 -12.99 -2.65
C HIS B 21 -12.95 -11.49 -2.74
N VAL B 22 -12.36 -10.81 -3.71
CA VAL B 22 -12.59 -9.36 -3.95
C VAL B 22 -13.68 -9.22 -5.03
N ILE B 23 -14.78 -8.56 -4.68
CA ILE B 23 -15.86 -8.19 -5.64
C ILE B 23 -15.92 -6.67 -5.80
N LYS B 24 -15.78 -6.19 -7.02
CA LYS B 24 -15.88 -4.77 -7.39
C LYS B 24 -17.28 -4.50 -7.95
N ILE B 25 -17.97 -3.50 -7.42
CA ILE B 25 -19.34 -3.16 -7.90
C ILE B 25 -19.27 -1.88 -8.75
N GLY B 26 -19.57 -2.01 -10.04
CA GLY B 26 -19.61 -0.90 -10.99
C GLY B 26 -20.70 0.12 -10.68
N GLY B 27 -20.46 1.33 -11.18
CA GLY B 27 -21.36 2.48 -11.07
C GLY B 27 -22.66 2.23 -11.83
N SER B 28 -22.59 1.43 -12.88
CA SER B 28 -23.76 1.00 -13.69
C SER B 28 -24.78 0.26 -12.82
N LEU B 29 -24.37 -0.27 -11.66
CA LEU B 29 -25.22 -1.12 -10.78
C LEU B 29 -25.70 -0.32 -9.57
N THR B 30 -25.37 0.97 -9.51
CA THR B 30 -25.65 1.85 -8.33
C THR B 30 -27.10 1.67 -7.86
N PHE B 31 -28.05 1.72 -8.78
CA PHE B 31 -29.51 1.76 -8.51
C PHE B 31 -30.11 0.34 -8.54
N ASN B 32 -29.28 -0.70 -8.57
CA ASN B 32 -29.73 -2.10 -8.37
C ASN B 32 -28.76 -2.77 -7.41
N SER B 33 -28.31 -2.03 -6.42
CA SER B 33 -27.22 -2.40 -5.50
C SER B 33 -27.81 -3.05 -4.24
N LYS B 34 -28.98 -2.60 -3.79
CA LYS B 34 -29.69 -3.19 -2.62
C LYS B 34 -29.85 -4.70 -2.84
N ASN B 35 -30.40 -5.09 -4.00
CA ASN B 35 -30.67 -6.50 -4.40
C ASN B 35 -29.33 -7.27 -4.29
N LEU B 36 -28.32 -6.80 -5.03
CA LEU B 36 -26.99 -7.46 -5.12
C LEU B 36 -26.38 -7.63 -3.71
N LEU B 37 -26.47 -6.60 -2.88
CA LEU B 37 -25.82 -6.59 -1.55
C LEU B 37 -26.54 -7.55 -0.61
N SER B 38 -27.88 -7.55 -0.64
CA SER B 38 -28.76 -8.50 0.08
C SER B 38 -28.28 -9.93 -0.20
N LYS B 39 -28.07 -10.27 -1.48
CA LYS B 39 -27.73 -11.67 -1.86
C LYS B 39 -26.30 -12.01 -1.44
N LEU B 40 -25.38 -11.04 -1.44
CA LEU B 40 -23.95 -11.33 -1.11
C LEU B 40 -23.81 -11.63 0.38
N ILE B 41 -24.62 -10.94 1.20
CA ILE B 41 -24.68 -11.13 2.69
C ILE B 41 -24.97 -12.61 2.99
N GLU B 42 -25.92 -13.19 2.25
CA GLU B 42 -26.43 -14.58 2.43
C GLU B 42 -25.31 -15.61 2.22
N LEU B 43 -24.29 -15.31 1.41
CA LEU B 43 -23.26 -16.32 1.01
C LEU B 43 -22.32 -16.59 2.18
N ASN B 44 -21.85 -17.83 2.32
CA ASN B 44 -20.97 -18.23 3.44
C ASN B 44 -19.54 -18.15 2.96
N LYS B 45 -19.08 -16.96 2.59
CA LYS B 45 -17.76 -16.75 1.91
C LYS B 45 -17.14 -15.45 2.43
N LYS B 46 -15.82 -15.41 2.60
CA LYS B 46 -15.09 -14.17 2.94
C LYS B 46 -15.10 -13.29 1.70
N ILE B 47 -15.83 -12.16 1.76
CA ILE B 47 -16.03 -11.22 0.60
C ILE B 47 -15.55 -9.82 0.96
N VAL B 48 -14.70 -9.26 0.11
CA VAL B 48 -14.21 -7.86 0.21
C VAL B 48 -14.82 -7.04 -0.91
N LEU B 49 -15.76 -6.17 -0.59
CA LEU B 49 -16.43 -5.32 -1.60
C LEU B 49 -15.59 -4.08 -1.85
N VAL B 50 -15.28 -3.82 -3.12
CA VAL B 50 -14.61 -2.59 -3.60
C VAL B 50 -15.58 -1.79 -4.44
N PRO B 51 -15.88 -0.54 -4.06
CA PRO B 51 -16.80 0.28 -4.83
C PRO B 51 -16.15 0.97 -6.03
N GLY B 52 -16.97 1.31 -7.02
CA GLY B 52 -16.64 2.20 -8.14
C GLY B 52 -17.08 3.63 -7.88
N GLY B 53 -17.15 4.44 -8.93
CA GLY B 53 -17.51 5.86 -8.82
C GLY B 53 -19.02 6.09 -8.73
N GLY B 54 -19.81 5.04 -8.49
CA GLY B 54 -21.27 5.07 -8.40
C GLY B 54 -21.84 6.04 -9.40
N ASN B 55 -22.64 7.03 -8.95
CA ASN B 55 -23.27 8.02 -9.86
C ASN B 55 -22.49 9.34 -9.84
N PHE B 56 -21.20 9.33 -9.51
CA PHE B 56 -20.34 10.53 -9.33
C PHE B 56 -19.34 10.68 -10.47
N ALA B 57 -19.12 9.63 -11.25
CA ALA B 57 -18.09 9.57 -12.32
C ALA B 57 -18.33 10.70 -13.31
N ASP B 58 -19.55 10.88 -13.79
CA ASP B 58 -19.87 11.94 -14.78
C ASP B 58 -19.33 13.29 -14.26
N SER B 59 -19.48 13.55 -12.97
CA SER B 59 -19.19 14.84 -12.32
C SER B 59 -17.68 15.09 -12.29
N VAL B 60 -16.91 14.06 -11.98
CA VAL B 60 -15.43 14.14 -11.99
C VAL B 60 -14.97 14.44 -13.42
N ARG B 61 -15.57 13.76 -14.40
CA ARG B 61 -15.23 13.85 -15.83
C ARG B 61 -15.59 15.27 -16.27
N GLU B 62 -16.69 15.79 -15.75
CA GLU B 62 -17.19 17.13 -16.11
C GLU B 62 -16.17 18.18 -15.62
N LEU B 63 -15.58 17.99 -14.44
CA LEU B 63 -14.56 18.94 -13.90
C LEU B 63 -13.31 18.88 -14.77
N TYR B 64 -12.82 17.67 -15.10
CA TYR B 64 -11.57 17.46 -15.87
C TYR B 64 -11.68 18.14 -17.23
N ASP B 65 -12.83 17.94 -17.89
CA ASP B 65 -13.10 18.29 -19.30
C ASP B 65 -13.29 19.80 -19.43
N ARG B 66 -13.92 20.43 -18.45
CA ARG B 66 -14.40 21.84 -18.51
C ARG B 66 -13.42 22.80 -17.82
N THR B 67 -12.39 22.33 -17.11
CA THR B 67 -11.48 23.20 -16.30
C THR B 67 -10.03 22.69 -16.19
N ASP B 68 -9.20 23.47 -15.52
CA ASP B 68 -7.74 23.23 -15.35
C ASP B 68 -7.48 22.13 -14.33
N LEU B 69 -8.51 21.47 -13.81
CA LEU B 69 -8.26 20.26 -13.01
C LEU B 69 -7.45 19.35 -13.92
N GLY B 70 -6.31 18.89 -13.39
CA GLY B 70 -5.35 18.01 -14.07
C GLY B 70 -5.54 16.56 -13.70
N GLU B 71 -4.82 15.68 -14.37
CA GLU B 71 -4.96 14.22 -14.26
C GLU B 71 -4.76 13.79 -12.80
N LEU B 72 -3.78 14.34 -12.09
CA LEU B 72 -3.50 13.93 -10.69
C LEU B 72 -4.65 14.38 -9.78
N GLY B 73 -5.21 15.58 -10.00
CA GLY B 73 -6.35 16.10 -9.24
C GLY B 73 -7.60 15.23 -9.44
N ALA B 74 -7.95 14.98 -10.69
CA ALA B 74 -9.07 14.12 -11.11
C ALA B 74 -8.90 12.71 -10.52
N HIS B 75 -7.67 12.22 -10.39
CA HIS B 75 -7.42 10.87 -9.81
C HIS B 75 -7.67 10.91 -8.29
N LYS B 76 -7.14 11.93 -7.61
CA LYS B 76 -7.35 12.09 -6.15
C LYS B 76 -8.88 12.12 -5.90
N ILE B 77 -9.59 12.91 -6.69
CA ILE B 77 -11.05 13.18 -6.54
C ILE B 77 -11.83 11.90 -6.89
N ALA B 78 -11.49 11.22 -7.99
CA ALA B 78 -12.19 10.00 -8.44
C ALA B 78 -12.06 8.96 -7.32
N THR B 79 -10.87 8.92 -6.74
CA THR B 79 -10.50 7.94 -5.70
C THR B 79 -11.44 8.12 -4.51
N ILE B 80 -11.63 9.37 -4.09
CA ILE B 80 -12.44 9.70 -2.90
C ILE B 80 -13.91 9.43 -3.24
N CYS B 81 -14.31 9.55 -4.51
CA CYS B 81 -15.67 9.17 -4.96
C CYS B 81 -15.92 7.67 -4.73
N THR B 82 -14.90 6.82 -4.80
CA THR B 82 -15.15 5.40 -4.49
C THR B 82 -15.53 5.25 -3.02
N ASP B 83 -14.90 6.02 -2.12
CA ASP B 83 -15.20 5.94 -0.66
C ASP B 83 -16.69 6.25 -0.47
N ILE B 84 -17.15 7.28 -1.15
CA ILE B 84 -18.53 7.78 -1.04
C ILE B 84 -19.47 6.64 -1.40
N THR B 85 -19.24 6.02 -2.55
CA THR B 85 -20.07 4.91 -3.06
C THR B 85 -20.05 3.82 -1.99
N GLY B 86 -18.87 3.52 -1.46
CA GLY B 86 -18.71 2.56 -0.35
C GLY B 86 -19.67 2.88 0.79
N ILE B 87 -19.75 4.14 1.18
CA ILE B 87 -20.55 4.60 2.35
C ILE B 87 -22.01 4.37 1.98
N TYR B 88 -22.41 4.74 0.77
CA TYR B 88 -23.75 4.41 0.21
C TYR B 88 -24.03 2.90 0.37
N PHE B 89 -23.15 2.02 -0.07
CA PHE B 89 -23.33 0.54 -0.02
C PHE B 89 -23.61 0.16 1.44
N SER B 90 -22.73 0.61 2.32
CA SER B 90 -22.82 0.39 3.80
C SER B 90 -24.20 0.79 4.33
N GLU B 91 -24.69 1.96 3.93
CA GLU B 91 -25.92 2.58 4.50
C GLU B 91 -27.12 1.73 4.10
N ILE B 92 -27.19 1.26 2.87
CA ILE B 92 -28.39 0.54 2.36
C ILE B 92 -28.34 -0.95 2.75
N SER B 93 -27.21 -1.46 3.23
CA SER B 93 -26.94 -2.91 3.40
C SER B 93 -26.66 -3.28 4.87
N GLY B 94 -26.04 -2.38 5.62
CA GLY B 94 -25.58 -2.63 7.00
C GLY B 94 -24.21 -3.27 7.04
N ILE B 95 -23.60 -3.55 5.88
CA ILE B 95 -22.20 -4.07 5.81
C ILE B 95 -21.26 -3.00 6.35
N LYS B 96 -20.30 -3.39 7.18
CA LYS B 96 -19.32 -2.50 7.81
C LYS B 96 -18.29 -2.07 6.75
N THR B 97 -17.71 -0.88 6.95
CA THR B 97 -16.64 -0.29 6.12
C THR B 97 -15.32 -0.36 6.88
N ALA B 98 -14.23 -0.14 6.15
CA ALA B 98 -12.83 -0.16 6.62
C ALA B 98 -12.03 0.59 5.57
N ASN B 99 -11.15 1.50 5.99
CA ASN B 99 -10.35 2.33 5.05
C ASN B 99 -8.91 1.83 5.07
N ASN B 100 -8.66 0.71 5.76
CA ASN B 100 -7.32 0.10 5.89
C ASN B 100 -7.54 -1.42 5.96
N LEU B 101 -6.61 -2.21 5.40
CA LEU B 101 -6.84 -3.67 5.27
C LEU B 101 -6.68 -4.34 6.63
N PHE B 102 -5.81 -3.79 7.48
CA PHE B 102 -5.64 -4.24 8.88
C PHE B 102 -7.01 -4.34 9.57
N ASP B 103 -7.83 -3.29 9.53
CA ASP B 103 -9.15 -3.29 10.20
C ASP B 103 -10.12 -4.17 9.42
N ALA B 104 -9.96 -4.25 8.09
CA ALA B 104 -10.79 -5.08 7.19
C ALA B 104 -10.66 -6.55 7.60
N LYS B 105 -9.44 -7.00 7.86
CA LYS B 105 -9.18 -8.39 8.29
C LYS B 105 -9.84 -8.67 9.65
N LYS B 106 -9.74 -7.74 10.61
CA LYS B 106 -10.42 -7.87 11.93
C LYS B 106 -11.92 -8.05 11.72
N ILE B 107 -12.55 -7.23 10.87
CA ILE B 107 -14.02 -7.35 10.62
C ILE B 107 -14.33 -8.74 10.03
N LEU B 108 -13.45 -9.28 9.20
CA LEU B 108 -13.71 -10.57 8.48
C LEU B 108 -13.46 -11.78 9.41
N GLU B 109 -12.84 -11.57 10.56
CA GLU B 109 -12.61 -12.68 11.51
C GLU B 109 -13.89 -12.84 12.36
N ASN B 110 -14.93 -12.06 12.09
CA ASN B 110 -16.18 -12.03 12.90
C ASN B 110 -17.43 -11.98 12.02
N GLU B 111 -17.40 -11.21 10.92
CA GLU B 111 -18.46 -11.24 9.87
C GLU B 111 -17.83 -11.81 8.62
N ASN B 112 -18.64 -12.03 7.58
CA ASN B 112 -18.19 -12.68 6.31
C ASN B 112 -17.83 -11.63 5.23
N ILE B 113 -18.19 -10.37 5.44
CA ILE B 113 -18.23 -9.39 4.34
C ILE B 113 -17.92 -7.98 4.86
N VAL B 114 -17.11 -7.24 4.12
CA VAL B 114 -16.70 -5.86 4.45
C VAL B 114 -16.60 -5.05 3.16
N ILE B 115 -16.93 -3.76 3.22
CA ILE B 115 -16.75 -2.74 2.17
C ILE B 115 -15.44 -2.00 2.45
N ILE B 116 -14.51 -2.01 1.50
CA ILE B 116 -13.28 -1.17 1.55
C ILE B 116 -13.61 0.23 1.01
N LEU B 117 -13.21 1.24 1.77
CA LEU B 117 -13.13 2.64 1.32
C LEU B 117 -11.71 2.81 0.78
N PRO B 118 -11.50 2.72 -0.55
CA PRO B 118 -10.17 2.49 -1.13
C PRO B 118 -9.18 3.66 -1.11
N SER B 119 -9.67 4.88 -0.97
CA SER B 119 -8.90 6.13 -1.17
C SER B 119 -7.60 6.11 -0.33
N LYS B 120 -7.72 5.88 0.97
CA LYS B 120 -6.62 5.89 1.95
C LYS B 120 -5.55 4.93 1.43
N ILE B 121 -5.94 3.72 1.02
CA ILE B 121 -4.98 2.68 0.54
C ILE B 121 -4.30 3.16 -0.74
N ILE B 122 -5.10 3.62 -1.70
CA ILE B 122 -4.58 3.93 -3.06
C ILE B 122 -3.62 5.13 -3.02
N LEU B 123 -3.94 6.16 -2.26
CA LEU B 123 -3.13 7.40 -2.16
C LEU B 123 -1.95 7.18 -1.21
N SER B 124 -2.13 6.34 -0.18
CA SER B 124 -1.04 5.89 0.72
C SER B 124 0.14 5.36 -0.10
N THR B 125 -0.11 4.42 -1.00
CA THR B 125 0.92 3.63 -1.71
C THR B 125 1.35 4.39 -2.97
N ASP B 126 0.39 4.74 -3.83
CA ASP B 126 0.57 5.54 -5.07
C ASP B 126 1.41 4.76 -6.06
N GLU B 127 1.29 3.45 -6.09
CA GLU B 127 2.11 2.53 -6.91
C GLU B 127 1.53 2.39 -8.32
N LEU B 128 0.25 2.73 -8.51
CA LEU B 128 -0.44 2.64 -9.82
C LEU B 128 -0.24 3.95 -10.58
N PRO B 129 -0.14 3.92 -11.93
CA PRO B 129 -0.33 5.11 -12.76
C PRO B 129 -1.59 5.91 -12.37
N CYS B 130 -1.40 7.18 -11.98
CA CYS B 130 -2.46 8.18 -11.67
C CYS B 130 -3.04 8.70 -13.00
N SER B 131 -3.97 7.94 -13.59
CA SER B 131 -4.24 7.91 -15.05
C SER B 131 -5.72 7.55 -15.24
N TRP B 132 -6.36 8.10 -16.29
CA TRP B 132 -7.82 8.01 -16.52
C TRP B 132 -8.25 6.60 -16.98
N SER B 133 -7.32 5.78 -17.49
CA SER B 133 -7.60 4.38 -17.93
C SER B 133 -7.26 3.39 -16.79
N VAL B 134 -7.00 3.89 -15.58
CA VAL B 134 -6.87 3.09 -14.32
C VAL B 134 -7.96 3.53 -13.33
N THR B 135 -9.02 2.74 -13.18
CA THR B 135 -10.17 3.04 -12.28
C THR B 135 -10.25 2.00 -11.17
N SER B 136 -11.40 1.91 -10.48
CA SER B 136 -11.68 1.01 -9.34
C SER B 136 -11.47 -0.45 -9.73
N ASP B 137 -11.60 -0.82 -11.02
CA ASP B 137 -11.26 -2.19 -11.50
C ASP B 137 -9.81 -2.50 -11.12
N SER B 138 -8.87 -1.59 -11.45
CA SER B 138 -7.44 -1.72 -11.08
C SER B 138 -7.28 -1.62 -9.55
N PHE B 139 -8.04 -0.73 -8.90
CA PHE B 139 -7.97 -0.58 -7.42
C PHE B 139 -8.36 -1.92 -6.80
N ALA B 140 -9.38 -2.58 -7.35
CA ALA B 140 -9.88 -3.85 -6.79
C ALA B 140 -8.79 -4.92 -6.95
N ALA B 141 -8.07 -4.92 -8.07
CA ALA B 141 -7.01 -5.90 -8.37
C ALA B 141 -5.86 -5.66 -7.42
N TYR B 142 -5.41 -4.41 -7.31
CA TYR B 142 -4.38 -3.96 -6.33
C TYR B 142 -4.74 -4.47 -4.92
N ILE B 143 -5.98 -4.25 -4.47
CA ILE B 143 -6.46 -4.66 -3.11
C ILE B 143 -6.41 -6.19 -3.02
N ALA B 144 -6.74 -6.89 -4.12
CA ALA B 144 -6.69 -8.36 -4.13
C ALA B 144 -5.25 -8.80 -3.90
N LYS B 145 -4.31 -8.14 -4.58
CA LYS B 145 -2.86 -8.45 -4.45
C LYS B 145 -2.46 -8.26 -3.00
N LEU B 146 -2.87 -7.14 -2.36
CA LEU B 146 -2.47 -6.81 -0.95
C LEU B 146 -2.99 -7.90 -0.01
N LEU B 147 -4.19 -8.40 -0.25
CA LEU B 147 -4.83 -9.43 0.59
C LEU B 147 -4.36 -10.85 0.21
N LYS B 148 -3.55 -11.02 -0.84
CA LYS B 148 -3.21 -12.35 -1.39
C LYS B 148 -4.49 -13.12 -1.75
N SER B 149 -5.55 -12.41 -2.14
CA SER B 149 -6.77 -12.99 -2.77
C SER B 149 -6.39 -13.46 -4.19
N LYS B 150 -6.98 -14.58 -4.61
CA LYS B 150 -6.70 -15.23 -5.91
C LYS B 150 -7.89 -15.02 -6.84
N VAL B 151 -8.99 -14.49 -6.30
CA VAL B 151 -10.26 -14.28 -7.03
C VAL B 151 -10.64 -12.81 -7.02
N LEU B 152 -10.72 -12.20 -8.20
CA LEU B 152 -11.32 -10.86 -8.43
C LEU B 152 -12.59 -11.00 -9.27
N ILE B 153 -13.75 -10.62 -8.74
CA ILE B 153 -15.00 -10.57 -9.53
C ILE B 153 -15.37 -9.11 -9.79
N ILE B 154 -15.58 -8.77 -11.06
CA ILE B 154 -16.03 -7.43 -11.51
C ILE B 154 -17.49 -7.50 -11.91
N ALA B 155 -18.36 -6.93 -11.09
CA ALA B 155 -19.82 -6.91 -11.30
C ALA B 155 -20.15 -5.67 -12.14
N THR B 156 -20.73 -5.91 -13.32
CA THR B 156 -21.12 -4.87 -14.31
C THR B 156 -22.60 -5.06 -14.64
N ASP B 157 -23.14 -4.28 -15.60
CA ASP B 157 -24.60 -4.26 -15.89
C ASP B 157 -24.91 -5.12 -17.12
N VAL B 158 -23.92 -5.85 -17.65
CA VAL B 158 -24.07 -6.76 -18.83
C VAL B 158 -23.45 -8.13 -18.49
N ASP B 159 -23.55 -9.12 -19.39
CA ASP B 159 -23.25 -10.56 -19.09
C ASP B 159 -21.73 -10.82 -19.03
N GLY B 160 -20.93 -9.91 -19.58
CA GLY B 160 -19.45 -9.91 -19.49
C GLY B 160 -18.90 -8.87 -20.46
N ILE B 161 -17.83 -9.18 -21.17
CA ILE B 161 -17.17 -8.30 -22.17
C ILE B 161 -17.63 -8.74 -23.57
N TYR B 162 -18.14 -7.79 -24.33
CA TYR B 162 -18.62 -7.96 -25.73
C TYR B 162 -17.53 -7.47 -26.68
N ASP B 163 -17.51 -7.94 -27.93
CA ASP B 163 -16.49 -7.52 -28.93
C ASP B 163 -16.76 -6.06 -29.30
N LYS B 164 -18.04 -5.68 -29.45
CA LYS B 164 -18.48 -4.36 -29.94
C LYS B 164 -19.90 -4.07 -29.49
N TYR B 165 -20.39 -2.89 -29.88
CA TYR B 165 -21.77 -2.39 -29.74
C TYR B 165 -22.17 -1.77 -31.07
N PRO B 166 -23.45 -1.88 -31.52
CA PRO B 166 -24.47 -2.66 -30.83
C PRO B 166 -24.33 -4.12 -31.27
N GLU B 167 -25.17 -5.03 -30.74
CA GLU B 167 -25.31 -6.42 -31.25
C GLU B 167 -23.95 -7.13 -31.30
N GLY B 168 -23.08 -6.86 -30.33
CA GLY B 168 -21.82 -7.60 -30.16
C GLY B 168 -22.08 -9.02 -29.68
N LYS B 169 -21.00 -9.84 -29.64
CA LYS B 169 -21.02 -11.24 -29.14
C LYS B 169 -20.29 -11.27 -27.79
N LEU B 170 -20.83 -12.01 -26.82
CA LEU B 170 -20.19 -12.18 -25.47
C LEU B 170 -18.90 -13.00 -25.63
N LEU B 171 -17.78 -12.48 -25.16
CA LEU B 171 -16.50 -13.22 -25.25
C LEU B 171 -16.34 -14.12 -24.03
N ASN B 172 -15.71 -15.27 -24.25
CA ASN B 172 -15.50 -16.30 -23.21
C ASN B 172 -14.35 -15.85 -22.29
N THR B 173 -13.17 -15.58 -22.86
CA THR B 173 -11.89 -15.37 -22.12
C THR B 173 -11.09 -14.31 -22.88
N ILE B 174 -10.63 -13.33 -22.13
CA ILE B 174 -9.68 -12.28 -22.60
C ILE B 174 -8.30 -12.78 -22.23
N ASN B 175 -7.49 -13.09 -23.24
CA ASN B 175 -6.15 -13.73 -23.10
C ASN B 175 -5.04 -12.79 -23.60
N THR B 176 -5.36 -11.54 -23.99
CA THR B 176 -4.37 -10.51 -24.40
C THR B 176 -4.07 -9.53 -23.24
N LYS B 177 -2.94 -8.82 -23.34
CA LYS B 177 -2.46 -7.84 -22.32
C LYS B 177 -3.42 -6.65 -22.23
N THR B 178 -4.04 -6.23 -23.34
CA THR B 178 -5.11 -5.19 -23.38
C THR B 178 -6.45 -5.81 -23.77
N ILE B 179 -7.56 -5.16 -23.38
CA ILE B 179 -8.96 -5.50 -23.77
C ILE B 179 -9.29 -4.71 -25.04
N LYS B 180 -9.48 -5.42 -26.16
CA LYS B 180 -9.73 -4.80 -27.49
C LYS B 180 -11.18 -4.30 -27.52
N GLY B 181 -12.14 -5.13 -27.07
CA GLY B 181 -13.59 -4.95 -27.32
C GLY B 181 -14.30 -3.81 -26.57
N PHE B 182 -15.62 -3.96 -26.37
CA PHE B 182 -16.55 -2.97 -25.78
C PHE B 182 -16.96 -3.36 -24.36
N THR B 183 -16.63 -2.50 -23.38
CA THR B 183 -16.79 -2.74 -21.92
C THR B 183 -16.38 -1.47 -21.15
N SER B 184 -16.88 -1.32 -19.92
CA SER B 184 -16.44 -0.31 -18.91
C SER B 184 -15.11 -0.72 -18.24
N VAL B 185 -14.67 -1.98 -18.39
CA VAL B 185 -13.46 -2.53 -17.70
C VAL B 185 -12.21 -1.81 -18.21
N ASP B 186 -11.27 -1.50 -17.30
CA ASP B 186 -9.95 -0.87 -17.59
C ASP B 186 -9.23 -1.71 -18.65
N LYS B 187 -8.79 -1.07 -19.74
CA LYS B 187 -8.14 -1.71 -20.91
C LYS B 187 -6.87 -2.45 -20.45
N HIS B 188 -6.19 -1.95 -19.40
CA HIS B 188 -4.83 -2.45 -19.02
C HIS B 188 -4.95 -3.39 -17.81
N LEU B 189 -6.17 -3.76 -17.42
CA LEU B 189 -6.41 -4.65 -16.24
C LEU B 189 -5.73 -6.00 -16.41
N PRO B 190 -5.72 -6.67 -17.60
CA PRO B 190 -5.06 -7.98 -17.74
C PRO B 190 -3.57 -8.01 -17.33
N LYS B 191 -2.83 -6.94 -17.53
CA LYS B 191 -1.42 -6.83 -17.04
C LYS B 191 -1.38 -7.04 -15.52
N LEU B 192 -2.28 -6.42 -14.78
CA LEU B 192 -2.32 -6.54 -13.29
C LEU B 192 -2.77 -7.96 -12.89
N ILE B 193 -3.76 -8.51 -13.58
CA ILE B 193 -4.32 -9.85 -13.31
C ILE B 193 -3.18 -10.87 -13.40
N SER B 194 -2.42 -10.80 -14.49
CA SER B 194 -1.22 -11.62 -14.82
C SER B 194 -0.14 -11.42 -13.75
N GLU B 195 0.36 -10.19 -13.56
CA GLU B 195 1.37 -9.81 -12.53
C GLU B 195 0.99 -10.46 -11.18
N TYR B 196 -0.29 -10.43 -10.80
CA TYR B 196 -0.74 -10.80 -9.44
C TYR B 196 -1.17 -12.27 -9.34
N GLY B 197 -1.26 -13.00 -10.46
CA GLY B 197 -1.68 -14.41 -10.48
C GLY B 197 -3.10 -14.55 -9.98
N ILE B 198 -4.02 -13.68 -10.43
CA ILE B 198 -5.42 -13.59 -9.94
C ILE B 198 -6.37 -14.17 -10.99
N GLU B 199 -7.35 -14.96 -10.57
CA GLU B 199 -8.48 -15.39 -11.41
C GLU B 199 -9.49 -14.23 -11.46
N CYS B 200 -9.81 -13.73 -12.65
CA CYS B 200 -10.73 -12.58 -12.81
C CYS B 200 -11.97 -12.95 -13.63
N PHE B 201 -13.15 -12.54 -13.16
CA PHE B 201 -14.48 -12.82 -13.76
C PHE B 201 -15.23 -11.51 -13.95
N VAL B 202 -15.83 -11.29 -15.12
CA VAL B 202 -16.71 -10.13 -15.39
C VAL B 202 -18.10 -10.69 -15.58
N VAL B 203 -19.03 -10.27 -14.73
CA VAL B 203 -20.33 -10.97 -14.52
C VAL B 203 -21.39 -9.88 -14.40
N ASN B 204 -22.64 -10.23 -14.71
CA ASN B 204 -23.81 -9.32 -14.60
C ASN B 204 -24.27 -9.29 -13.12
N GLY B 205 -24.01 -8.17 -12.45
CA GLY B 205 -24.38 -7.91 -11.05
C GLY B 205 -25.87 -7.71 -10.85
N ASN B 206 -26.63 -7.56 -11.95
CA ASN B 206 -28.11 -7.62 -11.89
C ASN B 206 -28.57 -9.03 -11.53
N HIS B 207 -27.70 -10.05 -11.61
CA HIS B 207 -28.03 -11.49 -11.43
C HIS B 207 -27.11 -12.08 -10.39
N PRO B 208 -27.28 -11.68 -9.11
CA PRO B 208 -26.42 -12.11 -8.01
C PRO B 208 -26.14 -13.62 -7.88
N GLU B 209 -27.05 -14.45 -8.36
CA GLU B 209 -26.90 -15.93 -8.31
C GLU B 209 -25.62 -16.30 -9.11
N ARG B 210 -25.28 -15.52 -10.13
CA ARG B 210 -24.08 -15.79 -10.99
C ARG B 210 -22.81 -15.74 -10.13
N ILE B 211 -22.77 -14.79 -9.18
CA ILE B 211 -21.61 -14.58 -8.27
C ILE B 211 -21.58 -15.73 -7.25
N LYS B 212 -22.70 -16.06 -6.62
CA LYS B 212 -22.82 -17.30 -5.82
C LYS B 212 -22.21 -18.48 -6.57
N ASN B 213 -22.56 -18.66 -7.85
CA ASN B 213 -22.13 -19.82 -8.68
C ASN B 213 -20.63 -19.75 -8.95
N ILE B 214 -20.10 -18.59 -9.33
CA ILE B 214 -18.62 -18.45 -9.50
C ILE B 214 -17.92 -18.92 -8.23
N LEU B 215 -18.38 -18.48 -7.06
CA LEU B 215 -17.71 -18.74 -5.75
C LEU B 215 -17.88 -20.22 -5.34
N ASN B 216 -18.95 -20.88 -5.77
CA ASN B 216 -19.20 -22.32 -5.52
C ASN B 216 -18.70 -23.19 -6.68
N ASP B 217 -17.91 -22.64 -7.62
CA ASP B 217 -17.35 -23.34 -8.83
C ASP B 217 -18.45 -24.04 -9.64
N VAL B 218 -19.54 -23.33 -9.90
CA VAL B 218 -20.75 -23.82 -10.64
C VAL B 218 -20.80 -22.98 -11.92
N SER B 219 -21.07 -23.66 -13.04
CA SER B 219 -21.12 -23.08 -14.41
C SER B 219 -22.03 -21.87 -14.39
N ASP B 220 -21.65 -20.82 -15.12
CA ASP B 220 -22.55 -19.66 -15.27
C ASP B 220 -22.06 -18.78 -16.41
N THR B 221 -22.78 -17.68 -16.66
CA THR B 221 -22.50 -16.72 -17.73
C THR B 221 -21.54 -15.69 -17.18
N TYR B 222 -20.46 -15.46 -17.92
CA TYR B 222 -19.46 -14.42 -17.62
C TYR B 222 -18.33 -14.50 -18.65
N THR B 223 -17.44 -13.50 -18.60
CA THR B 223 -16.14 -13.50 -19.30
C THR B 223 -15.02 -13.65 -18.27
N LYS B 224 -14.08 -14.55 -18.51
CA LYS B 224 -12.85 -14.72 -17.69
C LYS B 224 -11.77 -13.79 -18.24
N ILE B 225 -10.84 -13.37 -17.39
CA ILE B 225 -9.60 -12.69 -17.81
C ILE B 225 -8.42 -13.50 -17.26
N THR B 226 -7.72 -14.19 -18.16
CA THR B 226 -6.58 -15.09 -17.85
C THR B 226 -5.56 -14.83 -18.93
N LEU B 227 -4.33 -14.42 -18.60
CA LEU B 227 -3.28 -14.29 -19.64
C LEU B 227 -2.72 -15.69 -19.91
N GLU B 228 -3.26 -16.29 -20.98
CA GLU B 228 -2.69 -17.45 -21.70
C GLU B 228 -1.42 -16.93 -22.38
S SO4 C . 13.45 2.37 16.41
O1 SO4 C . 12.33 1.67 15.79
O2 SO4 C . 13.33 2.25 17.84
O3 SO4 C . 14.70 1.80 15.95
O4 SO4 C . 13.42 3.76 16.05
S SO4 D . -16.91 2.33 -12.00
O1 SO4 D . -17.53 1.07 -12.41
O2 SO4 D . -17.83 3.09 -11.17
O3 SO4 D . -16.60 3.09 -13.19
O4 SO4 D . -15.68 2.06 -11.26
#